data_6JHB
#
_entry.id   6JHB
#
_cell.length_a   101.124
_cell.length_b   101.124
_cell.length_c   115.096
_cell.angle_alpha   90.00
_cell.angle_beta   90.00
_cell.angle_gamma   90.00
#
_symmetry.space_group_name_H-M   'P 43 2 2'
#
loop_
_entity.id
_entity.type
_entity.pdbx_description
1 polymer 'Short chain dehydrogenase family protein'
2 non-polymer 'NADPH DIHYDRO-NICOTINAMIDE-ADENINE-DINUCLEOTIDE PHOSPHATE'
3 non-polymer '3-(4-HYDROXY-PHENYL)PYRUVIC ACID'
4 water water
#
_entity_poly.entity_id   1
_entity_poly.type   'polypeptide(L)'
_entity_poly.pdbx_seq_one_letter_code
;MDLGLKDKVALITGSSAGIGFTIAEKLAEEGCHLIICGRNSQRLEQAYQSLAQAYPAQQILRLVADVHQAQDSEQLIQDS
LNQYGKIDILVNNSEGANFAENLIENLSDEDWLNVFQGKLIGYIRLTNLVLPIMKKQHWGRIVNIIGTSGKEPSPRLVKS
GVVNAALMNFTKSVARQTAPYNVLINSVNPGVIDTPRHREYLEIYAKKEGTTPDLIRERILKTIPMNRIGTTEEFANLVV
FLASECASYITGITIPLDGGLSSSAFLEHHHHHH
;
_entity_poly.pdbx_strand_id   A,B
#
# COMPACT_ATOMS: atom_id res chain seq x y z
N MET A 1 9.06 10.52 6.92
CA MET A 1 8.43 10.77 5.59
C MET A 1 7.42 11.92 5.70
N ASP A 2 7.56 12.94 4.86
CA ASP A 2 6.65 14.04 4.81
C ASP A 2 5.40 13.66 3.99
N LEU A 3 4.26 13.62 4.67
CA LEU A 3 3.04 13.16 4.08
C LEU A 3 2.21 14.29 3.43
N GLY A 4 2.66 15.53 3.57
CA GLY A 4 2.03 16.68 2.89
C GLY A 4 0.63 16.95 3.43
N LEU A 5 0.42 16.72 4.70
CA LEU A 5 -0.93 16.77 5.29
C LEU A 5 -1.20 18.03 6.11
N LYS A 6 -0.21 18.93 6.15
CA LYS A 6 -0.32 20.14 6.97
C LYS A 6 -1.55 20.93 6.55
N ASP A 7 -2.43 21.16 7.53
CA ASP A 7 -3.67 21.90 7.36
C ASP A 7 -4.72 21.21 6.50
N LYS A 8 -4.55 19.93 6.20
CA LYS A 8 -5.62 19.20 5.53
C LYS A 8 -6.69 18.99 6.57
N VAL A 9 -7.92 18.96 6.13
CA VAL A 9 -9.09 18.76 7.01
C VAL A 9 -9.61 17.34 6.89
N ALA A 10 -9.57 16.58 7.97
CA ALA A 10 -9.92 15.18 7.94
C ALA A 10 -11.17 14.90 8.77
N LEU A 11 -12.19 14.36 8.12
CA LEU A 11 -13.35 13.82 8.78
C LEU A 11 -13.12 12.31 9.02
N ILE A 12 -13.12 11.91 10.28
CA ILE A 12 -12.98 10.52 10.68
C ILE A 12 -14.26 10.11 11.39
N THR A 13 -15.05 9.24 10.78
CA THR A 13 -16.25 8.76 11.45
C THR A 13 -15.86 7.68 12.46
N GLY A 14 -16.63 7.58 13.52
CA GLY A 14 -16.37 6.59 14.57
C GLY A 14 -15.07 6.80 15.30
N SER A 15 -14.75 8.05 15.60
CA SER A 15 -13.43 8.39 16.13
C SER A 15 -13.42 8.66 17.62
N SER A 16 -14.45 8.20 18.32
CA SER A 16 -14.47 8.34 19.77
C SER A 16 -13.68 7.20 20.40
N ALA A 17 -13.52 6.10 19.67
CA ALA A 17 -12.75 4.98 20.19
C ALA A 17 -12.15 4.09 19.11
N GLY A 18 -11.30 3.18 19.58
CA GLY A 18 -10.67 2.17 18.76
C GLY A 18 -9.91 2.74 17.58
N ILE A 19 -10.11 2.11 16.43
CA ILE A 19 -9.40 2.40 15.19
C ILE A 19 -9.61 3.83 14.76
N GLY A 20 -10.89 4.24 14.72
CA GLY A 20 -11.28 5.60 14.44
C GLY A 20 -10.50 6.60 15.27
N PHE A 21 -10.37 6.33 16.56
CA PHE A 21 -9.74 7.27 17.43
C PHE A 21 -8.26 7.39 17.12
N THR A 22 -7.56 6.25 17.02
CA THR A 22 -6.13 6.25 16.71
C THR A 22 -5.85 6.91 15.35
N ILE A 23 -6.75 6.74 14.39
CA ILE A 23 -6.58 7.37 13.08
C ILE A 23 -6.58 8.89 13.21
N ALA A 24 -7.59 9.40 13.91
CA ALA A 24 -7.67 10.81 14.25
C ALA A 24 -6.35 11.34 14.88
N GLU A 25 -5.85 10.62 15.88
CA GLU A 25 -4.55 10.93 16.50
C GLU A 25 -3.45 11.09 15.47
N LYS A 26 -3.38 10.08 14.60
CA LYS A 26 -2.26 9.98 13.68
C LYS A 26 -2.37 11.04 12.63
N LEU A 27 -3.59 11.40 12.25
CA LEU A 27 -3.76 12.47 11.30
C LEU A 27 -3.38 13.82 11.89
N ALA A 28 -3.74 14.05 13.15
CA ALA A 28 -3.40 15.30 13.82
C ALA A 28 -1.89 15.39 13.94
N GLU A 29 -1.25 14.28 14.22
CA GLU A 29 0.22 14.19 14.26
C GLU A 29 0.85 14.63 12.93
N GLU A 30 0.26 14.23 11.81
CA GLU A 30 0.76 14.70 10.52
C GLU A 30 0.37 16.16 10.21
N GLY A 31 -0.42 16.78 11.08
CA GLY A 31 -0.77 18.18 10.92
C GLY A 31 -2.15 18.46 10.38
N CYS A 32 -3.03 17.44 10.38
CA CYS A 32 -4.40 17.65 9.96
C CYS A 32 -5.22 18.37 11.02
N HIS A 33 -6.18 19.16 10.55
CA HIS A 33 -7.31 19.54 11.39
C HIS A 33 -8.34 18.45 11.23
N LEU A 34 -9.09 18.26 12.31
CA LEU A 34 -10.00 17.12 12.42
C LEU A 34 -11.46 17.50 12.59
N ILE A 35 -12.29 16.62 12.03
CA ILE A 35 -13.68 16.47 12.43
C ILE A 35 -13.82 15.03 12.94
N ILE A 36 -14.08 14.90 14.23
CA ILE A 36 -14.30 13.60 14.84
C ILE A 36 -15.76 13.54 15.21
N CYS A 37 -16.33 12.35 15.19
CA CYS A 37 -17.73 12.21 15.45
C CYS A 37 -18.04 10.81 15.95
N GLY A 38 -19.25 10.69 16.46
CA GLY A 38 -19.70 9.49 17.17
C GLY A 38 -21.08 9.77 17.75
N ARG A 39 -21.76 8.74 18.21
CA ARG A 39 -23.08 9.00 18.79
C ARG A 39 -23.01 9.12 20.31
N ASN A 40 -22.17 8.31 20.94
CA ASN A 40 -21.92 8.51 22.34
C ASN A 40 -21.19 9.84 22.60
N SER A 41 -21.95 10.82 23.05
CA SER A 41 -21.41 12.16 23.30
C SER A 41 -20.33 12.19 24.39
N GLN A 42 -20.47 11.33 25.40
CA GLN A 42 -19.52 11.26 26.54
C GLN A 42 -18.20 10.59 26.16
N ARG A 43 -18.31 9.50 25.40
CA ARG A 43 -17.15 8.82 24.81
C ARG A 43 -16.39 9.78 23.91
N LEU A 44 -17.15 10.56 23.16
CA LEU A 44 -16.63 11.52 22.17
C LEU A 44 -15.91 12.72 22.82
N GLU A 45 -16.54 13.28 23.84
CA GLU A 45 -15.89 14.31 24.66
C GLU A 45 -14.56 13.86 25.21
N GLN A 46 -14.50 12.69 25.80
CA GLN A 46 -13.23 12.12 26.24
C GLN A 46 -12.18 12.06 25.09
N ALA A 47 -12.54 11.43 23.97
CA ALA A 47 -11.72 11.44 22.76
C ALA A 47 -11.22 12.85 22.45
N TYR A 48 -12.17 13.77 22.52
CA TYR A 48 -11.93 15.16 22.13
C TYR A 48 -10.91 15.82 23.06
N GLN A 49 -11.13 15.69 24.37
CA GLN A 49 -10.19 16.19 25.36
C GLN A 49 -8.79 15.62 25.15
N SER A 50 -8.71 14.30 25.03
CA SER A 50 -7.44 13.62 24.81
C SER A 50 -6.74 14.18 23.56
N LEU A 51 -7.48 14.34 22.48
CA LEU A 51 -6.94 14.84 21.23
C LEU A 51 -6.41 16.25 21.35
N ALA A 52 -7.24 17.12 21.90
CA ALA A 52 -6.97 18.56 21.96
C ALA A 52 -5.73 18.84 22.77
N GLN A 53 -5.55 18.03 23.80
CA GLN A 53 -4.47 18.20 24.77
C GLN A 53 -3.15 17.61 24.22
N ALA A 54 -3.26 16.58 23.39
CA ALA A 54 -2.09 16.04 22.73
C ALA A 54 -1.70 16.90 21.54
N TYR A 55 -2.65 17.63 20.96
CA TYR A 55 -2.38 18.36 19.72
C TYR A 55 -2.90 19.79 19.72
N PRO A 56 -2.34 20.63 20.61
CA PRO A 56 -2.94 21.94 20.90
C PRO A 56 -2.96 22.94 19.72
N ALA A 57 -2.08 22.75 18.75
CA ALA A 57 -2.00 23.61 17.55
C ALA A 57 -3.05 23.25 16.48
N GLN A 58 -3.70 22.09 16.64
CA GLN A 58 -4.65 21.60 15.66
C GLN A 58 -6.11 21.88 16.03
N GLN A 59 -6.87 22.36 15.08
CA GLN A 59 -8.31 22.47 15.23
C GLN A 59 -8.97 21.10 15.22
N ILE A 60 -9.98 20.97 16.07
CA ILE A 60 -10.74 19.74 16.23
C ILE A 60 -12.18 20.11 16.43
N LEU A 61 -12.99 19.75 15.45
CA LEU A 61 -14.43 19.87 15.52
C LEU A 61 -14.99 18.51 15.98
N ARG A 62 -15.80 18.50 17.03
CA ARG A 62 -16.48 17.29 17.44
C ARG A 62 -17.97 17.47 17.13
N LEU A 63 -18.57 16.46 16.52
CA LEU A 63 -19.97 16.53 16.18
C LEU A 63 -20.61 15.21 16.57
N VAL A 64 -21.71 15.29 17.31
CA VAL A 64 -22.39 14.12 17.72
C VAL A 64 -23.31 13.79 16.58
N ALA A 65 -23.08 12.61 16.00
CA ALA A 65 -23.80 12.18 14.84
C ALA A 65 -23.80 10.65 14.70
N ASP A 66 -24.91 10.15 14.17
CA ASP A 66 -25.07 8.77 13.77
C ASP A 66 -24.91 8.74 12.25
N VAL A 67 -23.79 8.20 11.76
CA VAL A 67 -23.53 8.24 10.32
C VAL A 67 -24.21 7.10 9.55
N HIS A 68 -25.13 6.43 10.23
CA HIS A 68 -26.10 5.58 9.57
C HIS A 68 -27.43 6.26 9.30
N GLN A 69 -27.65 7.45 9.84
CA GLN A 69 -28.88 8.23 9.53
C GLN A 69 -28.60 9.33 8.52
N ALA A 70 -29.52 9.48 7.58
CA ALA A 70 -29.35 10.36 6.43
C ALA A 70 -29.19 11.81 6.85
N GLN A 71 -30.03 12.21 7.82
CA GLN A 71 -30.10 13.61 8.21
C GLN A 71 -28.84 13.99 8.97
N ASP A 72 -28.43 13.11 9.87
CA ASP A 72 -27.23 13.33 10.65
C ASP A 72 -26.02 13.47 9.75
N SER A 73 -25.99 12.69 8.66
CA SER A 73 -24.82 12.63 7.80
C SER A 73 -24.71 13.90 6.98
N GLU A 74 -25.85 14.39 6.50
CA GLU A 74 -25.90 15.65 5.73
C GLU A 74 -25.48 16.84 6.59
N GLN A 75 -25.90 16.81 7.85
CA GLN A 75 -25.56 17.87 8.81
C GLN A 75 -24.11 17.78 9.24
N LEU A 76 -23.66 16.55 9.47
CA LEU A 76 -22.24 16.31 9.71
C LEU A 76 -21.40 17.00 8.61
N ILE A 77 -21.76 16.79 7.35
CA ILE A 77 -20.97 17.29 6.22
C ILE A 77 -21.06 18.82 6.12
N GLN A 78 -22.29 19.33 6.23
CA GLN A 78 -22.54 20.76 6.16
C GLN A 78 -21.92 21.49 7.36
N ASP A 79 -21.99 20.89 8.54
CA ASP A 79 -21.33 21.48 9.70
C ASP A 79 -19.84 21.54 9.51
N SER A 80 -19.25 20.47 8.96
CA SER A 80 -17.81 20.47 8.71
C SER A 80 -17.41 21.52 7.65
N LEU A 81 -18.21 21.65 6.60
CA LEU A 81 -17.95 22.63 5.56
C LEU A 81 -18.01 24.05 6.14
N ASN A 82 -19.03 24.32 6.97
CA ASN A 82 -19.19 25.63 7.63
C ASN A 82 -18.01 25.97 8.48
N GLN A 83 -17.50 24.97 9.14
CA GLN A 83 -16.37 25.19 9.99
C GLN A 83 -15.09 25.48 9.21
N TYR A 84 -14.74 24.61 8.28
CA TYR A 84 -13.41 24.69 7.69
C TYR A 84 -13.34 25.21 6.24
N GLY A 85 -14.47 25.34 5.57
CA GLY A 85 -14.48 25.73 4.16
C GLY A 85 -14.05 24.64 3.18
N LYS A 86 -13.54 23.52 3.69
CA LYS A 86 -13.10 22.40 2.88
C LYS A 86 -13.14 21.08 3.65
N ILE A 87 -13.20 19.95 2.95
CA ILE A 87 -12.95 18.66 3.57
C ILE A 87 -12.05 17.89 2.63
N ASP A 88 -10.88 17.52 3.13
CA ASP A 88 -9.85 16.94 2.29
C ASP A 88 -9.85 15.43 2.41
N ILE A 89 -10.15 14.92 3.60
CA ILE A 89 -10.06 13.50 3.83
C ILE A 89 -11.34 12.99 4.47
N LEU A 90 -11.77 11.80 4.05
CA LEU A 90 -12.86 11.11 4.71
C LEU A 90 -12.45 9.70 5.00
N VAL A 91 -12.54 9.32 6.26
CA VAL A 91 -12.31 7.96 6.65
C VAL A 91 -13.63 7.40 7.11
N ASN A 92 -14.23 6.57 6.29
CA ASN A 92 -15.52 5.97 6.60
C ASN A 92 -15.29 4.81 7.54
N ASN A 93 -15.75 4.94 8.76
CA ASN A 93 -15.53 3.91 9.76
C ASN A 93 -16.72 3.78 10.70
N SER A 94 -17.66 2.93 10.35
CA SER A 94 -18.85 2.77 11.18
C SER A 94 -19.12 1.28 11.29
N GLU A 95 -20.06 0.93 12.15
CA GLU A 95 -20.23 -0.46 12.58
C GLU A 95 -21.01 -1.31 11.58
N GLY A 96 -20.55 -2.54 11.34
CA GLY A 96 -21.22 -3.46 10.41
C GLY A 96 -22.42 -4.16 11.03
N ASN A 102 -30.93 -23.88 10.65
CA ASN A 102 -29.90 -23.26 9.84
C ASN A 102 -29.98 -21.72 9.82
N LEU A 103 -28.82 -21.08 9.98
CA LEU A 103 -28.71 -19.62 10.15
C LEU A 103 -29.19 -18.76 8.98
N ILE A 104 -28.62 -18.93 7.79
CA ILE A 104 -28.95 -18.06 6.65
C ILE A 104 -30.45 -17.98 6.34
N GLU A 105 -31.11 -19.12 6.14
CA GLU A 105 -32.56 -19.16 5.83
C GLU A 105 -33.42 -18.51 6.94
N ASN A 106 -32.75 -18.33 8.08
CA ASN A 106 -33.21 -17.60 9.27
C ASN A 106 -33.52 -16.11 9.07
N LEU A 107 -32.78 -15.48 8.16
CA LEU A 107 -32.74 -14.02 8.03
C LEU A 107 -33.82 -13.52 7.10
N SER A 108 -34.65 -12.63 7.63
CA SER A 108 -35.79 -12.12 6.88
C SER A 108 -35.37 -11.04 5.89
N ASP A 109 -36.35 -10.60 5.11
CA ASP A 109 -36.18 -9.44 4.25
C ASP A 109 -35.84 -8.19 5.04
N GLU A 110 -36.56 -7.99 6.16
CA GLU A 110 -36.32 -6.85 7.06
C GLU A 110 -34.90 -6.89 7.62
N ASP A 111 -34.44 -8.08 7.97
CA ASP A 111 -33.09 -8.24 8.49
C ASP A 111 -32.04 -7.84 7.47
N TRP A 112 -32.29 -8.16 6.21
CA TRP A 112 -31.34 -7.83 5.17
C TRP A 112 -31.40 -6.34 4.86
N LEU A 113 -32.60 -5.79 4.69
CA LEU A 113 -32.76 -4.37 4.38
C LEU A 113 -32.15 -3.51 5.48
N ASN A 114 -32.29 -3.96 6.73
CA ASN A 114 -31.75 -3.23 7.85
C ASN A 114 -30.23 -3.08 7.81
N VAL A 115 -29.49 -4.12 7.42
CA VAL A 115 -28.01 -4.01 7.33
C VAL A 115 -27.56 -3.24 6.09
N PHE A 116 -28.38 -3.25 5.04
CA PHE A 116 -28.08 -2.41 3.88
C PHE A 116 -28.17 -0.94 4.25
N GLN A 117 -29.17 -0.61 5.06
CA GLN A 117 -29.35 0.75 5.55
C GLN A 117 -28.46 1.14 6.73
N GLY A 118 -27.56 0.23 7.13
CA GLY A 118 -26.52 0.58 8.07
C GLY A 118 -25.28 1.03 7.30
N LYS A 119 -24.18 0.35 7.55
CA LYS A 119 -22.87 0.69 6.94
C LYS A 119 -22.82 0.72 5.41
N LEU A 120 -23.59 -0.14 4.74
CA LEU A 120 -23.54 -0.18 3.30
C LEU A 120 -23.92 1.20 2.77
N ILE A 121 -25.18 1.56 2.98
CA ILE A 121 -25.68 2.84 2.53
C ILE A 121 -24.96 3.99 3.26
N GLY A 122 -24.55 3.75 4.50
CA GLY A 122 -23.78 4.70 5.28
C GLY A 122 -22.50 5.20 4.60
N TYR A 123 -21.66 4.27 4.12
CA TYR A 123 -20.43 4.66 3.44
C TYR A 123 -20.75 5.27 2.08
N ILE A 124 -21.70 4.68 1.36
CA ILE A 124 -22.05 5.18 0.03
C ILE A 124 -22.52 6.63 0.09
N ARG A 125 -23.41 6.91 1.04
CA ARG A 125 -23.99 8.23 1.19
C ARG A 125 -22.94 9.26 1.60
N LEU A 126 -22.18 8.95 2.64
CA LEU A 126 -21.13 9.87 3.08
C LEU A 126 -20.13 10.15 1.95
N THR A 127 -19.90 9.17 1.10
CA THR A 127 -19.04 9.37 -0.05
C THR A 127 -19.67 10.33 -1.04
N ASN A 128 -20.90 10.03 -1.43
CA ASN A 128 -21.65 10.91 -2.31
C ASN A 128 -21.65 12.34 -1.86
N LEU A 129 -21.67 12.52 -0.54
CA LEU A 129 -21.82 13.83 0.05
C LEU A 129 -20.49 14.59 0.05
N VAL A 130 -19.37 13.91 0.23
CA VAL A 130 -18.06 14.58 0.14
C VAL A 130 -17.52 14.76 -1.28
N LEU A 131 -17.98 13.94 -2.23
CA LEU A 131 -17.47 13.99 -3.58
C LEU A 131 -17.53 15.38 -4.22
N PRO A 132 -18.67 16.09 -4.13
CA PRO A 132 -18.64 17.40 -4.81
C PRO A 132 -17.63 18.37 -4.22
N ILE A 133 -17.46 18.31 -2.91
CA ILE A 133 -16.51 19.16 -2.24
C ILE A 133 -15.09 18.81 -2.67
N MET A 134 -14.77 17.54 -2.66
CA MET A 134 -13.41 17.11 -2.98
C MET A 134 -13.08 17.39 -4.43
N LYS A 135 -13.99 17.10 -5.35
CA LYS A 135 -13.83 17.41 -6.78
C LYS A 135 -13.58 18.91 -7.02
N LYS A 136 -14.30 19.73 -6.27
CA LYS A 136 -14.12 21.17 -6.37
C LYS A 136 -12.68 21.56 -5.98
N GLN A 137 -12.19 20.96 -4.91
CA GLN A 137 -10.83 21.17 -4.45
C GLN A 137 -9.79 20.52 -5.34
N HIS A 138 -10.20 19.57 -6.14
CA HIS A 138 -9.25 18.77 -6.88
C HIS A 138 -8.31 18.04 -5.95
N TRP A 139 -8.79 17.72 -4.78
CA TRP A 139 -7.94 17.05 -3.83
C TRP A 139 -8.85 16.30 -2.91
N GLY A 140 -8.68 15.00 -2.87
CA GLY A 140 -9.53 14.20 -2.00
C GLY A 140 -8.93 12.85 -1.72
N ARG A 141 -9.22 12.38 -0.53
CA ARG A 141 -8.83 11.07 -0.10
C ARG A 141 -9.99 10.49 0.69
N ILE A 142 -10.43 9.30 0.32
CA ILE A 142 -11.48 8.59 1.06
C ILE A 142 -10.98 7.18 1.35
N VAL A 143 -10.96 6.81 2.62
CA VAL A 143 -10.55 5.51 3.07
C VAL A 143 -11.69 4.83 3.79
N ASN A 144 -12.16 3.72 3.23
CA ASN A 144 -13.23 2.96 3.80
C ASN A 144 -12.66 1.84 4.62
N ILE A 145 -12.96 1.83 5.92
CA ILE A 145 -12.56 0.72 6.80
C ILE A 145 -13.58 -0.38 6.63
N ILE A 146 -13.15 -1.49 6.05
CA ILE A 146 -14.08 -2.54 5.64
C ILE A 146 -13.79 -3.83 6.40
N GLY A 147 -14.58 -4.06 7.43
N LEU A 157 -20.49 -14.19 9.86
CA LEU A 157 -20.13 -12.96 9.17
C LEU A 157 -20.70 -12.95 7.75
N VAL A 158 -21.88 -13.57 7.61
CA VAL A 158 -22.61 -13.62 6.36
C VAL A 158 -23.08 -12.23 5.91
N LYS A 159 -23.78 -11.52 6.79
CA LYS A 159 -24.31 -10.20 6.44
C LYS A 159 -23.16 -9.27 6.17
N SER A 160 -22.19 -9.32 7.07
CA SER A 160 -20.99 -8.52 7.00
C SER A 160 -20.29 -8.67 5.66
N GLY A 161 -20.05 -9.93 5.28
CA GLY A 161 -19.28 -10.28 4.06
C GLY A 161 -19.96 -9.80 2.78
N VAL A 162 -21.29 -9.88 2.76
CA VAL A 162 -22.05 -9.34 1.63
C VAL A 162 -21.90 -7.83 1.49
N VAL A 163 -21.94 -7.10 2.61
CA VAL A 163 -21.83 -5.64 2.60
C VAL A 163 -20.38 -5.27 2.28
N ASN A 164 -19.45 -5.95 2.93
CA ASN A 164 -18.06 -5.71 2.63
C ASN A 164 -17.73 -5.99 1.16
N ALA A 165 -18.20 -7.07 0.58
CA ALA A 165 -18.03 -7.27 -0.87
C ALA A 165 -18.65 -6.14 -1.72
N ALA A 166 -19.85 -5.71 -1.34
CA ALA A 166 -20.49 -4.61 -2.02
C ALA A 166 -19.66 -3.33 -1.95
N LEU A 167 -19.12 -3.04 -0.76
CA LEU A 167 -18.30 -1.85 -0.54
C LEU A 167 -17.00 -1.88 -1.32
N MET A 168 -16.38 -3.07 -1.39
CA MET A 168 -15.15 -3.24 -2.12
C MET A 168 -15.31 -2.90 -3.59
N ASN A 169 -16.41 -3.36 -4.17
CA ASN A 169 -16.67 -3.08 -5.56
C ASN A 169 -17.15 -1.62 -5.72
N PHE A 170 -17.93 -1.14 -4.78
CA PHE A 170 -18.28 0.29 -4.81
C PHE A 170 -17.00 1.16 -4.84
N THR A 171 -16.00 0.77 -4.07
CA THR A 171 -14.73 1.50 -4.00
C THR A 171 -14.04 1.55 -5.37
N LYS A 172 -13.94 0.40 -5.99
CA LYS A 172 -13.41 0.28 -7.35
C LYS A 172 -14.08 1.24 -8.33
N SER A 173 -15.41 1.20 -8.35
CA SER A 173 -16.15 1.97 -9.33
C SER A 173 -16.06 3.45 -9.05
N VAL A 174 -16.14 3.85 -7.80
CA VAL A 174 -16.07 5.27 -7.49
C VAL A 174 -14.67 5.81 -7.72
N ALA A 175 -13.63 5.04 -7.38
CA ALA A 175 -12.26 5.44 -7.70
C ALA A 175 -12.05 5.76 -9.20
N ARG A 176 -12.49 4.82 -10.02
CA ARG A 176 -12.44 4.97 -11.48
C ARG A 176 -13.01 6.31 -11.93
N GLN A 177 -14.16 6.66 -11.41
CA GLN A 177 -14.84 7.88 -11.76
C GLN A 177 -14.22 9.18 -11.26
N THR A 178 -13.64 9.18 -10.08
CA THR A 178 -13.17 10.44 -9.51
C THR A 178 -11.66 10.61 -9.56
N ALA A 179 -10.97 9.62 -10.11
CA ALA A 179 -9.52 9.67 -10.26
C ALA A 179 -9.14 10.88 -11.08
N PRO A 180 -9.93 11.20 -12.13
CA PRO A 180 -9.62 12.40 -12.91
C PRO A 180 -9.58 13.71 -12.12
N TYR A 181 -10.09 13.70 -10.89
CA TYR A 181 -10.15 14.91 -10.04
C TYR A 181 -9.21 14.84 -8.86
N ASN A 182 -8.27 13.90 -8.92
CA ASN A 182 -7.36 13.66 -7.81
C ASN A 182 -8.15 13.46 -6.52
N VAL A 183 -9.27 12.75 -6.61
CA VAL A 183 -9.97 12.28 -5.45
C VAL A 183 -9.82 10.76 -5.43
N LEU A 184 -8.97 10.29 -4.55
CA LEU A 184 -8.57 8.89 -4.54
C LEU A 184 -9.37 8.19 -3.51
N ILE A 185 -9.80 6.99 -3.81
CA ILE A 185 -10.51 6.29 -2.80
C ILE A 185 -10.05 4.82 -2.71
N ASN A 186 -9.76 4.40 -1.49
CA ASN A 186 -9.26 3.07 -1.24
C ASN A 186 -9.92 2.48 -0.03
N SER A 187 -9.67 1.20 0.20
CA SER A 187 -10.22 0.55 1.37
C SER A 187 -9.16 -0.25 2.11
N VAL A 188 -9.37 -0.40 3.40
CA VAL A 188 -8.48 -1.15 4.27
C VAL A 188 -9.30 -2.20 5.01
N ASN A 189 -8.81 -3.42 4.97
CA ASN A 189 -9.44 -4.52 5.67
C ASN A 189 -8.72 -4.93 6.92
N PRO A 190 -9.29 -4.63 8.10
CA PRO A 190 -8.62 -5.10 9.29
C PRO A 190 -8.73 -6.62 9.43
N GLY A 191 -7.70 -7.23 9.98
CA GLY A 191 -7.77 -8.57 10.50
C GLY A 191 -8.22 -8.40 11.94
N VAL A 192 -7.40 -8.87 12.87
CA VAL A 192 -7.72 -8.75 14.28
C VAL A 192 -6.92 -7.63 14.90
N ILE A 193 -7.66 -6.62 15.37
CA ILE A 193 -7.10 -5.39 15.91
C ILE A 193 -7.62 -5.22 17.33
N ASP A 194 -6.73 -4.88 18.26
CA ASP A 194 -7.10 -4.75 19.65
C ASP A 194 -7.96 -3.47 19.89
N THR A 195 -9.24 -3.54 19.58
CA THR A 195 -10.16 -2.42 19.81
C THR A 195 -11.21 -2.74 20.88
N PRO A 196 -11.92 -1.70 21.36
CA PRO A 196 -12.92 -1.84 22.43
C PRO A 196 -13.90 -2.94 22.14
N ARG A 197 -14.35 -2.98 20.90
CA ARG A 197 -15.30 -3.99 20.48
C ARG A 197 -14.76 -5.40 20.65
N HIS A 198 -13.45 -5.57 20.59
CA HIS A 198 -12.72 -6.87 20.54
CA HIS A 198 -13.01 -6.94 20.60
C HIS A 198 -12.30 -7.39 21.89
N ARG A 199 -11.99 -6.47 22.79
CA ARG A 199 -11.86 -6.81 24.20
C ARG A 199 -13.29 -6.98 24.73
N GLU A 200 -14.23 -6.44 23.98
CA GLU A 200 -15.64 -6.66 24.22
C GLU A 200 -15.90 -8.06 23.73
N TYR A 201 -16.03 -8.21 22.42
CA TYR A 201 -16.60 -9.43 21.83
C TYR A 201 -15.70 -10.71 21.90
N LEU A 202 -14.74 -10.74 22.82
CA LEU A 202 -14.21 -12.00 23.35
C LEU A 202 -14.35 -12.11 24.88
N GLU A 203 -15.00 -11.14 25.55
CA GLU A 203 -15.59 -11.34 26.89
C GLU A 203 -17.12 -11.24 26.77
N ILE A 204 -17.61 -11.54 25.57
CA ILE A 204 -19.00 -11.88 25.33
C ILE A 204 -19.06 -13.24 24.62
N LEU A 215 -7.20 -16.90 26.00
CA LEU A 215 -8.32 -17.68 26.51
C LEU A 215 -9.50 -17.47 25.56
N ILE A 216 -9.41 -18.29 24.51
CA ILE A 216 -10.23 -17.88 23.28
CA ILE A 216 -9.82 -18.20 23.12
C ILE A 216 -9.46 -16.93 22.36
N ARG A 217 -8.75 -16.03 23.02
CA ARG A 217 -7.75 -15.19 22.37
C ARG A 217 -6.68 -16.15 21.82
N GLU A 218 -6.26 -17.10 22.67
CA GLU A 218 -5.27 -18.13 22.34
C GLU A 218 -5.58 -18.88 21.06
N ARG A 219 -6.87 -19.08 20.79
CA ARG A 219 -7.30 -19.71 19.55
C ARG A 219 -7.24 -18.78 18.35
N ILE A 220 -7.31 -17.48 18.58
CA ILE A 220 -7.19 -16.53 17.46
C ILE A 220 -5.72 -16.37 17.13
N LEU A 221 -4.90 -16.15 18.15
CA LEU A 221 -3.46 -16.04 17.92
C LEU A 221 -2.96 -17.20 17.09
N LYS A 222 -3.43 -18.41 17.39
CA LYS A 222 -3.04 -19.59 16.62
C LYS A 222 -3.48 -19.53 15.14
N THR A 223 -4.38 -18.61 14.78
CA THR A 223 -4.81 -18.44 13.38
C THR A 223 -4.08 -17.29 12.67
N ILE A 224 -3.43 -16.42 13.43
CA ILE A 224 -2.74 -15.30 12.83
C ILE A 224 -1.29 -15.73 12.65
N PRO A 225 -0.82 -15.79 11.41
CA PRO A 225 0.56 -16.20 11.21
C PRO A 225 1.52 -15.37 12.06
N MET A 226 1.23 -14.09 12.26
CA MET A 226 2.11 -13.25 13.12
C MET A 226 2.04 -13.63 14.62
N ASN A 227 1.07 -14.48 14.99
CA ASN A 227 0.93 -14.93 16.37
C ASN A 227 0.80 -13.73 17.30
N ARG A 228 -0.05 -12.79 16.91
CA ARG A 228 -0.19 -11.53 17.63
C ARG A 228 -1.35 -10.74 17.04
N ILE A 229 -2.09 -10.06 17.89
CA ILE A 229 -3.17 -9.18 17.45
C ILE A 229 -2.59 -7.79 17.16
N GLY A 230 -3.09 -7.19 16.08
CA GLY A 230 -2.61 -5.85 15.64
C GLY A 230 -3.04 -4.75 16.59
N THR A 231 -2.28 -3.66 16.63
CA THR A 231 -2.69 -2.47 17.40
C THR A 231 -3.42 -1.48 16.51
N THR A 232 -4.20 -0.61 17.14
CA THR A 232 -4.87 0.43 16.38
C THR A 232 -3.83 1.38 15.75
N GLU A 233 -2.67 1.52 16.40
CA GLU A 233 -1.58 2.31 15.86
C GLU A 233 -1.10 1.72 14.53
N GLU A 234 -0.94 0.41 14.51
CA GLU A 234 -0.49 -0.34 13.34
C GLU A 234 -1.46 -0.20 12.20
N PHE A 235 -2.74 -0.24 12.54
CA PHE A 235 -3.77 -0.07 11.57
C PHE A 235 -3.80 1.35 11.01
N ALA A 236 -3.64 2.33 11.89
CA ALA A 236 -3.80 3.71 11.49
C ALA A 236 -2.67 4.14 10.58
N ASN A 237 -1.48 3.61 10.81
CA ASN A 237 -0.35 4.00 10.00
C ASN A 237 -0.68 3.89 8.51
N LEU A 238 -1.30 2.79 8.12
CA LEU A 238 -1.65 2.56 6.75
C LEU A 238 -2.70 3.54 6.22
N VAL A 239 -3.75 3.75 7.00
CA VAL A 239 -4.85 4.64 6.59
C VAL A 239 -4.31 6.06 6.37
N VAL A 240 -3.51 6.53 7.30
CA VAL A 240 -2.86 7.82 7.19
C VAL A 240 -1.99 7.91 5.94
N PHE A 241 -1.22 6.87 5.62
CA PHE A 241 -0.43 6.89 4.37
C PHE A 241 -1.36 6.98 3.16
N LEU A 242 -2.44 6.23 3.16
CA LEU A 242 -3.38 6.30 2.04
C LEU A 242 -4.03 7.66 1.95
N ALA A 243 -4.15 8.34 3.09
CA ALA A 243 -4.80 9.64 3.13
C ALA A 243 -3.85 10.78 2.81
N SER A 244 -2.60 10.45 2.47
CA SER A 244 -1.58 11.44 2.28
C SER A 244 -1.32 11.81 0.81
N GLU A 245 -0.52 12.85 0.64
CA GLU A 245 0.03 13.23 -0.66
C GLU A 245 0.91 12.12 -1.26
N CYS A 246 1.55 11.32 -0.40
CA CYS A 246 2.48 10.28 -0.86
C CYS A 246 1.78 9.16 -1.58
N ALA A 247 0.49 9.05 -1.37
CA ALA A 247 -0.29 8.01 -2.00
C ALA A 247 -0.96 8.50 -3.28
N SER A 248 -0.39 9.49 -3.94
CA SER A 248 -1.09 10.16 -5.05
C SER A 248 -1.34 9.31 -6.29
N TYR A 249 -0.72 8.14 -6.36
CA TYR A 249 -0.89 7.28 -7.53
C TYR A 249 -1.63 6.01 -7.20
N ILE A 250 -2.14 5.95 -5.98
CA ILE A 250 -2.86 4.80 -5.49
C ILE A 250 -4.34 5.08 -5.40
N THR A 251 -5.11 4.33 -6.16
CA THR A 251 -6.52 4.41 -5.96
C THR A 251 -7.23 3.15 -6.43
N GLY A 252 -8.39 2.88 -5.83
CA GLY A 252 -9.24 1.82 -6.26
C GLY A 252 -8.99 0.44 -5.68
N ILE A 253 -8.14 0.38 -4.66
CA ILE A 253 -7.67 -0.88 -4.13
C ILE A 253 -8.16 -1.08 -2.71
N THR A 254 -8.23 -2.34 -2.32
CA THR A 254 -8.56 -2.70 -0.96
C THR A 254 -7.35 -3.45 -0.41
N ILE A 255 -6.82 -2.99 0.72
CA ILE A 255 -5.62 -3.58 1.31
C ILE A 255 -5.90 -4.29 2.64
N PRO A 256 -5.51 -5.58 2.77
CA PRO A 256 -5.69 -6.23 4.05
C PRO A 256 -4.59 -5.81 5.02
N LEU A 257 -4.98 -5.62 6.27
CA LEU A 257 -4.07 -5.22 7.31
C LEU A 257 -4.33 -6.18 8.41
N ASP A 258 -3.66 -7.32 8.37
CA ASP A 258 -4.18 -8.46 9.09
C ASP A 258 -3.18 -9.41 9.72
N GLY A 259 -1.92 -8.98 9.82
CA GLY A 259 -0.88 -9.81 10.41
C GLY A 259 -0.70 -11.12 9.66
N GLY A 260 -1.03 -11.12 8.37
CA GLY A 260 -0.98 -12.32 7.53
C GLY A 260 -2.18 -13.25 7.49
N LEU A 261 -3.33 -12.89 8.07
CA LEU A 261 -4.52 -13.77 7.99
C LEU A 261 -4.86 -14.17 6.56
N SER A 262 -4.80 -13.21 5.64
CA SER A 262 -5.09 -13.51 4.23
C SER A 262 -3.99 -14.33 3.51
N SER A 263 -3.02 -14.87 4.24
CA SER A 263 -2.14 -15.92 3.69
C SER A 263 -2.61 -17.29 4.19
N MET B 1 5.53 11.59 9.21
CA MET B 1 5.53 10.24 9.81
C MET B 1 6.96 9.71 9.97
N ASP B 2 7.27 9.30 11.19
CA ASP B 2 8.52 8.63 11.49
C ASP B 2 8.44 7.15 11.10
N LEU B 3 9.24 6.75 10.13
CA LEU B 3 9.17 5.40 9.61
C LEU B 3 10.05 4.41 10.39
N GLY B 4 10.90 4.93 11.28
CA GLY B 4 11.70 4.05 12.18
C GLY B 4 12.85 3.38 11.45
N LEU B 5 13.36 4.06 10.42
CA LEU B 5 14.29 3.47 9.51
C LEU B 5 15.73 3.87 9.73
N LYS B 6 15.95 4.85 10.61
CA LYS B 6 17.29 5.35 10.91
C LYS B 6 18.23 4.19 11.17
N ASP B 7 19.30 4.12 10.36
CA ASP B 7 20.36 3.11 10.45
C ASP B 7 19.99 1.67 10.06
N LYS B 8 18.80 1.47 9.48
CA LYS B 8 18.48 0.16 8.90
C LYS B 8 19.38 -0.02 7.71
N VAL B 9 19.71 -1.27 7.41
CA VAL B 9 20.54 -1.56 6.28
C VAL B 9 19.62 -2.13 5.20
N ALA B 10 19.62 -1.47 4.04
CA ALA B 10 18.72 -1.80 3.00
C ALA B 10 19.47 -2.20 1.76
N LEU B 11 19.06 -3.31 1.17
CA LEU B 11 19.61 -3.75 -0.11
C LEU B 11 18.55 -3.57 -1.16
N ILE B 12 18.82 -2.69 -2.10
CA ILE B 12 17.93 -2.50 -3.22
C ILE B 12 18.58 -3.02 -4.47
N THR B 13 18.01 -4.08 -5.05
CA THR B 13 18.59 -4.64 -6.26
C THR B 13 18.13 -3.77 -7.44
N GLY B 14 18.91 -3.82 -8.51
CA GLY B 14 18.60 -3.05 -9.70
C GLY B 14 18.37 -1.57 -9.42
N SER B 15 19.29 -0.97 -8.69
CA SER B 15 19.12 0.40 -8.17
C SER B 15 19.93 1.46 -8.90
N SER B 16 20.42 1.16 -10.10
CA SER B 16 21.22 2.15 -10.82
C SER B 16 20.34 3.11 -11.61
N ALA B 17 19.08 2.73 -11.81
CA ALA B 17 18.12 3.55 -12.54
C ALA B 17 16.67 3.14 -12.23
N GLY B 18 15.75 3.96 -12.72
CA GLY B 18 14.31 3.71 -12.64
C GLY B 18 13.74 3.56 -11.23
N ILE B 19 12.83 2.60 -11.08
CA ILE B 19 12.14 2.39 -9.83
C ILE B 19 13.12 2.13 -8.70
N GLY B 20 14.08 1.24 -8.95
CA GLY B 20 15.01 0.86 -7.91
C GLY B 20 15.86 2.01 -7.42
N PHE B 21 16.32 2.84 -8.35
CA PHE B 21 17.09 4.01 -7.99
C PHE B 21 16.29 4.95 -7.07
N THR B 22 15.05 5.26 -7.42
CA THR B 22 14.26 6.20 -6.60
C THR B 22 13.95 5.61 -5.25
N ILE B 23 13.78 4.28 -5.17
CA ILE B 23 13.56 3.65 -3.88
C ILE B 23 14.76 3.87 -2.98
N ALA B 24 15.95 3.65 -3.53
CA ALA B 24 17.18 3.82 -2.78
C ALA B 24 17.32 5.26 -2.25
N GLU B 25 17.14 6.25 -3.12
CA GLU B 25 17.09 7.66 -2.71
C GLU B 25 16.21 7.83 -1.50
N LYS B 26 15.00 7.31 -1.60
CA LYS B 26 14.01 7.54 -0.58
C LYS B 26 14.35 6.77 0.71
N LEU B 27 14.93 5.58 0.60
CA LEU B 27 15.35 4.87 1.81
C LEU B 27 16.52 5.62 2.46
N ALA B 28 17.45 6.12 1.63
CA ALA B 28 18.55 6.93 2.13
C ALA B 28 18.01 8.11 2.92
N GLU B 29 16.96 8.73 2.37
CA GLU B 29 16.36 9.93 2.96
C GLU B 29 15.73 9.65 4.29
N GLU B 30 15.27 8.42 4.50
CA GLU B 30 14.72 8.06 5.82
C GLU B 30 15.78 7.64 6.85
N GLY B 31 17.05 7.63 6.43
CA GLY B 31 18.13 7.26 7.33
C GLY B 31 18.71 5.88 7.16
N CYS B 32 18.39 5.19 6.06
CA CYS B 32 18.98 3.85 5.77
C CYS B 32 20.37 3.93 5.20
N HIS B 33 21.18 2.94 5.53
CA HIS B 33 22.41 2.66 4.78
C HIS B 33 22.07 1.70 3.66
N LEU B 34 22.64 1.92 2.50
CA LEU B 34 22.25 1.18 1.33
C LEU B 34 23.31 0.20 0.84
N ILE B 35 22.80 -0.83 0.18
CA ILE B 35 23.53 -1.57 -0.79
C ILE B 35 22.72 -1.44 -2.06
N ILE B 36 23.40 -0.98 -3.09
CA ILE B 36 22.78 -0.80 -4.36
C ILE B 36 23.60 -1.61 -5.34
N CYS B 37 22.96 -2.04 -6.42
CA CYS B 37 23.66 -2.79 -7.43
C CYS B 37 23.05 -2.63 -8.80
N GLY B 38 23.83 -3.10 -9.76
CA GLY B 38 23.42 -3.22 -11.14
C GLY B 38 24.43 -4.05 -11.93
N ARG B 39 24.13 -4.23 -13.20
CA ARG B 39 24.94 -5.03 -14.10
C ARG B 39 25.98 -4.17 -14.80
N ASN B 40 25.53 -3.02 -15.30
CA ASN B 40 26.44 -2.07 -15.93
C ASN B 40 27.15 -1.17 -14.91
N SER B 41 28.47 -1.25 -14.95
CA SER B 41 29.38 -0.54 -14.06
C SER B 41 29.26 0.97 -14.14
N GLN B 42 29.34 1.48 -15.37
CA GLN B 42 29.30 2.90 -15.64
C GLN B 42 27.98 3.56 -15.16
N ARG B 43 26.84 2.92 -15.39
CA ARG B 43 25.51 3.34 -14.88
CA ARG B 43 25.61 3.54 -14.86
C ARG B 43 25.48 3.35 -13.36
N LEU B 44 26.06 2.31 -12.80
CA LEU B 44 26.04 2.14 -11.35
C LEU B 44 26.85 3.25 -10.68
N GLU B 45 28.06 3.47 -11.16
CA GLU B 45 28.89 4.57 -10.66
C GLU B 45 28.19 5.90 -10.71
N GLN B 46 27.52 6.15 -11.83
CA GLN B 46 26.69 7.32 -12.01
C GLN B 46 25.61 7.38 -10.90
N ALA B 47 24.99 6.25 -10.58
CA ALA B 47 23.96 6.24 -9.55
C ALA B 47 24.59 6.43 -8.17
N TYR B 48 25.69 5.74 -7.94
CA TYR B 48 26.40 5.82 -6.68
C TYR B 48 26.83 7.25 -6.39
N GLN B 49 27.51 7.86 -7.36
CA GLN B 49 27.93 9.25 -7.25
C GLN B 49 26.77 10.16 -6.87
N SER B 50 25.68 10.12 -7.65
CA SER B 50 24.50 10.91 -7.33
C SER B 50 23.96 10.68 -5.90
N LEU B 51 23.95 9.43 -5.44
CA LEU B 51 23.47 9.12 -4.10
C LEU B 51 24.44 9.60 -3.01
N ALA B 52 25.73 9.31 -3.23
CA ALA B 52 26.79 9.65 -2.29
C ALA B 52 26.83 11.15 -2.05
N GLN B 53 26.70 11.91 -3.14
CA GLN B 53 26.68 13.37 -3.07
C GLN B 53 25.37 13.89 -2.51
N ALA B 54 24.26 13.24 -2.81
CA ALA B 54 22.99 13.73 -2.26
C ALA B 54 22.79 13.33 -0.79
N TYR B 55 23.35 12.20 -0.38
CA TYR B 55 23.13 11.68 0.98
C TYR B 55 24.42 11.28 1.65
N PRO B 56 25.39 12.21 1.71
CA PRO B 56 26.72 11.86 2.22
C PRO B 56 26.72 11.43 3.70
N ALA B 57 25.67 11.77 4.44
CA ALA B 57 25.52 11.30 5.83
C ALA B 57 25.33 9.77 5.96
N GLN B 58 24.93 9.12 4.88
CA GLN B 58 24.60 7.69 4.88
C GLN B 58 25.64 6.83 4.20
N GLN B 59 25.97 5.71 4.80
CA GLN B 59 26.83 4.76 4.15
C GLN B 59 26.12 4.20 2.90
N ILE B 60 26.83 4.18 1.78
CA ILE B 60 26.36 3.52 0.58
C ILE B 60 27.46 2.60 0.02
N LEU B 61 27.09 1.34 -0.18
CA LEU B 61 27.94 0.32 -0.77
C LEU B 61 27.38 -0.01 -2.16
N ARG B 62 28.18 0.14 -3.20
CA ARG B 62 27.74 -0.22 -4.55
C ARG B 62 28.54 -1.38 -5.11
N LEU B 63 27.82 -2.38 -5.65
CA LEU B 63 28.42 -3.60 -6.16
C LEU B 63 27.87 -3.91 -7.53
N VAL B 64 28.75 -4.27 -8.45
CA VAL B 64 28.31 -4.75 -9.74
C VAL B 64 27.90 -6.22 -9.56
N ALA B 65 26.65 -6.52 -9.88
CA ALA B 65 26.11 -7.87 -9.70
C ALA B 65 24.89 -8.08 -10.58
N ASP B 66 24.81 -9.25 -11.20
CA ASP B 66 23.61 -9.65 -11.90
C ASP B 66 22.83 -10.48 -10.93
N VAL B 67 21.71 -9.95 -10.43
CA VAL B 67 20.90 -10.72 -9.46
C VAL B 67 19.95 -11.68 -10.17
N HIS B 68 20.25 -12.03 -11.41
CA HIS B 68 19.72 -13.25 -12.01
C HIS B 68 20.70 -14.39 -12.01
N GLN B 69 21.89 -14.20 -11.46
CA GLN B 69 22.86 -15.30 -11.41
C GLN B 69 23.10 -15.64 -9.96
N ALA B 70 23.20 -16.93 -9.68
CA ALA B 70 23.31 -17.40 -8.29
C ALA B 70 24.60 -16.90 -7.64
N GLN B 71 25.70 -17.08 -8.35
CA GLN B 71 27.03 -16.72 -7.86
C GLN B 71 27.02 -15.27 -7.39
N ASP B 72 26.81 -14.36 -8.34
CA ASP B 72 26.69 -12.95 -8.06
C ASP B 72 25.70 -12.63 -6.94
N SER B 73 24.62 -13.40 -6.83
CA SER B 73 23.61 -13.07 -5.82
C SER B 73 24.10 -13.53 -4.46
N GLU B 74 24.72 -14.70 -4.40
CA GLU B 74 25.37 -15.16 -3.17
C GLU B 74 26.48 -14.19 -2.73
N GLN B 75 27.26 -13.71 -3.71
CA GLN B 75 28.36 -12.82 -3.41
C GLN B 75 27.83 -11.48 -2.93
N LEU B 76 26.84 -10.97 -3.64
CA LEU B 76 26.15 -9.75 -3.21
C LEU B 76 25.81 -9.74 -1.70
N ILE B 77 25.21 -10.81 -1.22
CA ILE B 77 24.75 -10.88 0.17
C ILE B 77 25.90 -10.99 1.15
N GLN B 78 26.94 -11.70 0.75
CA GLN B 78 28.10 -11.84 1.61
C GLN B 78 28.84 -10.51 1.73
N ASP B 79 29.08 -9.86 0.59
CA ASP B 79 29.67 -8.53 0.56
C ASP B 79 28.85 -7.53 1.38
N SER B 80 27.53 -7.62 1.30
CA SER B 80 26.66 -6.78 2.13
C SER B 80 26.83 -7.09 3.63
N LEU B 81 26.93 -8.37 3.97
CA LEU B 81 27.15 -8.76 5.36
C LEU B 81 28.54 -8.37 5.89
N ASN B 82 29.57 -8.63 5.10
CA ASN B 82 30.92 -8.20 5.47
C ASN B 82 30.98 -6.72 5.76
N GLN B 83 30.24 -5.91 5.00
CA GLN B 83 30.25 -4.47 5.19
C GLN B 83 29.45 -4.05 6.43
N TYR B 84 28.25 -4.56 6.55
CA TYR B 84 27.31 -4.03 7.55
C TYR B 84 27.01 -4.97 8.68
N GLY B 85 27.31 -6.26 8.51
CA GLY B 85 27.01 -7.26 9.53
C GLY B 85 25.54 -7.66 9.64
N LYS B 86 24.66 -6.95 8.96
CA LYS B 86 23.23 -7.26 8.99
C LYS B 86 22.61 -6.72 7.72
N ILE B 87 21.47 -7.31 7.31
CA ILE B 87 20.61 -6.74 6.29
C ILE B 87 19.19 -6.65 6.82
N ASP B 88 18.61 -5.45 6.89
CA ASP B 88 17.26 -5.30 7.42
C ASP B 88 16.19 -5.26 6.33
N ILE B 89 16.54 -4.80 5.14
CA ILE B 89 15.55 -4.63 4.10
C ILE B 89 16.07 -5.13 2.78
N LEU B 90 15.25 -5.94 2.10
CA LEU B 90 15.50 -6.34 0.73
C LEU B 90 14.35 -5.85 -0.15
N VAL B 91 14.71 -5.17 -1.24
CA VAL B 91 13.75 -4.83 -2.25
C VAL B 91 14.14 -5.62 -3.50
N ASN B 92 13.34 -6.63 -3.83
CA ASN B 92 13.61 -7.43 -5.00
C ASN B 92 13.15 -6.69 -6.22
N ASN B 93 14.11 -6.22 -6.99
CA ASN B 93 13.84 -5.42 -8.18
C ASN B 93 14.88 -5.75 -9.27
N SER B 94 14.40 -6.45 -10.30
CA SER B 94 15.23 -6.77 -11.44
C SER B 94 14.40 -7.04 -12.71
N GLU B 95 15.08 -7.04 -13.84
CA GLU B 95 14.43 -7.09 -15.14
C GLU B 95 13.58 -8.35 -15.31
N GLY B 96 12.38 -8.17 -15.83
CA GLY B 96 11.50 -9.29 -16.14
C GLY B 96 11.70 -9.59 -17.60
N ALA B 97 10.73 -10.31 -18.16
CA ALA B 97 10.85 -10.90 -19.46
C ALA B 97 10.80 -9.84 -20.53
N ASN B 98 11.40 -10.15 -21.68
CA ASN B 98 11.56 -9.22 -22.79
C ASN B 98 10.23 -8.95 -23.50
N PHE B 99 10.17 -7.87 -24.30
CA PHE B 99 8.94 -7.44 -24.99
C PHE B 99 8.85 -7.91 -26.44
N ALA B 100 9.75 -8.79 -26.86
CA ALA B 100 9.89 -9.14 -28.27
C ALA B 100 8.72 -9.93 -28.83
N GLU B 101 8.48 -11.10 -28.25
CA GLU B 101 7.42 -12.00 -28.71
C GLU B 101 6.42 -12.29 -27.59
N ASN B 102 5.14 -12.29 -27.96
CA ASN B 102 4.06 -12.70 -27.07
C ASN B 102 3.19 -13.87 -27.62
N LEU B 103 3.18 -14.09 -28.95
CA LEU B 103 2.47 -15.24 -29.53
C LEU B 103 3.04 -16.56 -29.02
N ILE B 104 2.18 -17.28 -28.29
CA ILE B 104 2.59 -18.32 -27.37
C ILE B 104 3.28 -19.56 -27.96
N GLU B 105 2.69 -20.19 -28.96
CA GLU B 105 3.26 -21.42 -29.53
C GLU B 105 4.70 -21.16 -30.02
N ASN B 106 4.92 -19.92 -30.44
CA ASN B 106 6.23 -19.45 -30.90
C ASN B 106 7.29 -19.24 -29.81
N LEU B 107 6.97 -19.60 -28.57
CA LEU B 107 7.93 -19.52 -27.50
C LEU B 107 8.40 -20.93 -27.20
N SER B 108 9.71 -21.12 -27.24
CA SER B 108 10.32 -22.41 -27.01
C SER B 108 10.58 -22.64 -25.52
N ASP B 109 10.79 -23.90 -25.15
CA ASP B 109 11.24 -24.25 -23.80
C ASP B 109 12.32 -23.29 -23.30
N GLU B 110 13.36 -23.12 -24.11
CA GLU B 110 14.51 -22.28 -23.76
C GLU B 110 14.05 -20.88 -23.34
N ASP B 111 13.08 -20.33 -24.06
CA ASP B 111 12.62 -18.97 -23.79
C ASP B 111 11.91 -18.93 -22.45
N TRP B 112 11.21 -20.01 -22.13
CA TRP B 112 10.55 -20.12 -20.85
C TRP B 112 11.57 -20.35 -19.74
N LEU B 113 12.50 -21.26 -19.98
CA LEU B 113 13.55 -21.60 -19.03
C LEU B 113 14.34 -20.37 -18.62
N ASN B 114 14.61 -19.49 -19.58
CA ASN B 114 15.29 -18.25 -19.28
C ASN B 114 14.44 -17.36 -18.43
N VAL B 115 13.19 -17.14 -18.86
CA VAL B 115 12.21 -16.44 -18.05
C VAL B 115 12.25 -16.89 -16.61
N PHE B 116 12.14 -18.19 -16.41
CA PHE B 116 12.05 -18.74 -15.06
C PHE B 116 13.35 -18.62 -14.29
N GLN B 117 14.46 -18.66 -15.02
CA GLN B 117 15.78 -18.47 -14.45
C GLN B 117 16.16 -16.98 -14.31
N GLY B 118 15.29 -16.09 -14.76
CA GLY B 118 15.52 -14.66 -14.59
C GLY B 118 14.94 -14.16 -13.28
N LYS B 119 14.08 -13.15 -13.39
CA LYS B 119 13.43 -12.51 -12.24
C LYS B 119 12.74 -13.49 -11.33
N LEU B 120 12.19 -14.56 -11.88
CA LEU B 120 11.41 -15.49 -11.06
C LEU B 120 12.29 -16.17 -10.00
N ILE B 121 13.28 -16.97 -10.43
CA ILE B 121 14.23 -17.56 -9.49
C ILE B 121 15.07 -16.49 -8.79
N GLY B 122 15.33 -15.38 -9.47
CA GLY B 122 16.10 -14.28 -8.90
C GLY B 122 15.54 -13.80 -7.57
N TYR B 123 14.25 -13.47 -7.55
CA TYR B 123 13.60 -13.03 -6.31
C TYR B 123 13.50 -14.15 -5.27
N ILE B 124 13.20 -15.36 -5.70
CA ILE B 124 13.09 -16.49 -4.76
C ILE B 124 14.43 -16.76 -4.10
N ARG B 125 15.50 -16.81 -4.90
CA ARG B 125 16.83 -17.10 -4.40
C ARG B 125 17.27 -16.06 -3.38
N LEU B 126 17.24 -14.80 -3.79
CA LEU B 126 17.62 -13.71 -2.90
C LEU B 126 16.78 -13.69 -1.62
N THR B 127 15.52 -14.10 -1.74
CA THR B 127 14.70 -14.25 -0.55
C THR B 127 15.22 -15.33 0.35
N ASN B 128 15.50 -16.50 -0.22
CA ASN B 128 16.06 -17.59 0.58
C ASN B 128 17.33 -17.15 1.28
N LEU B 129 18.12 -16.33 0.57
CA LEU B 129 19.40 -15.84 1.13
C LEU B 129 19.26 -14.89 2.29
N VAL B 130 18.29 -13.95 2.24
CA VAL B 130 18.22 -12.98 3.34
C VAL B 130 17.39 -13.47 4.49
N LEU B 131 16.59 -14.50 4.27
CA LEU B 131 15.70 -14.99 5.33
C LEU B 131 16.37 -15.38 6.65
N PRO B 132 17.44 -16.21 6.58
CA PRO B 132 18.03 -16.55 7.88
C PRO B 132 18.56 -15.30 8.59
N ILE B 133 19.14 -14.38 7.82
CA ILE B 133 19.71 -13.17 8.40
C ILE B 133 18.62 -12.40 9.14
N MET B 134 17.50 -12.14 8.47
CA MET B 134 16.41 -11.36 9.07
C MET B 134 15.79 -12.09 10.24
N LYS B 135 15.67 -13.40 10.10
CA LYS B 135 15.12 -14.23 11.15
C LYS B 135 15.93 -14.21 12.42
N LYS B 136 17.25 -14.32 12.31
CA LYS B 136 18.02 -14.43 13.53
C LYS B 136 17.84 -13.15 14.36
N GLN B 137 17.72 -12.00 13.71
CA GLN B 137 17.48 -10.71 14.40
C GLN B 137 16.01 -10.33 14.65
N HIS B 138 15.08 -11.15 14.16
CA HIS B 138 13.66 -10.86 14.30
C HIS B 138 13.23 -9.50 13.75
N TRP B 139 13.81 -9.10 12.63
CA TRP B 139 13.39 -7.88 11.98
C TRP B 139 13.72 -8.04 10.53
N GLY B 140 12.72 -7.88 9.68
CA GLY B 140 12.96 -8.06 8.28
C GLY B 140 11.83 -7.53 7.46
N ARG B 141 12.20 -6.91 6.36
CA ARG B 141 11.25 -6.42 5.39
C ARG B 141 11.77 -6.82 4.03
N ILE B 142 10.90 -7.38 3.21
CA ILE B 142 11.24 -7.75 1.83
C ILE B 142 10.07 -7.23 1.02
N VAL B 143 10.38 -6.50 -0.03
CA VAL B 143 9.38 -5.95 -0.91
C VAL B 143 9.73 -6.35 -2.33
N ASN B 144 8.87 -7.18 -2.92
CA ASN B 144 9.04 -7.63 -4.29
C ASN B 144 8.38 -6.70 -5.28
N ILE B 145 9.16 -6.16 -6.21
CA ILE B 145 8.60 -5.31 -7.25
C ILE B 145 8.20 -6.19 -8.41
N ILE B 146 6.90 -6.36 -8.57
CA ILE B 146 6.40 -7.39 -9.47
C ILE B 146 5.88 -6.81 -10.78
N GLY B 147 4.58 -6.55 -10.85
CA GLY B 147 3.90 -6.14 -12.08
C GLY B 147 2.44 -6.57 -12.10
N THR B 148 1.58 -5.70 -12.61
CA THR B 148 0.12 -5.95 -12.63
C THR B 148 -0.31 -7.08 -13.54
N SER B 149 0.51 -7.38 -14.55
CA SER B 149 0.33 -8.56 -15.40
C SER B 149 0.13 -9.84 -14.60
N GLY B 150 0.67 -9.86 -13.38
CA GLY B 150 0.51 -10.98 -12.46
C GLY B 150 -0.93 -11.22 -12.07
N LYS B 151 -1.67 -10.14 -11.88
CA LYS B 151 -3.12 -10.20 -11.61
C LYS B 151 -3.92 -10.23 -12.91
N GLU B 152 -3.72 -9.22 -13.75
CA GLU B 152 -4.45 -9.07 -15.01
C GLU B 152 -3.46 -9.10 -16.17
N PRO B 153 -3.24 -10.28 -16.77
CA PRO B 153 -2.21 -10.43 -17.79
C PRO B 153 -2.57 -9.71 -19.08
N SER B 154 -1.55 -9.23 -19.78
CA SER B 154 -1.76 -8.40 -20.96
C SER B 154 -1.08 -8.99 -22.19
N PRO B 155 -1.58 -8.65 -23.40
CA PRO B 155 -1.13 -9.19 -24.70
C PRO B 155 0.40 -9.11 -24.90
N ARG B 156 0.99 -8.02 -24.44
CA ARG B 156 2.43 -7.86 -24.53
C ARG B 156 3.16 -8.46 -23.34
N LEU B 157 2.53 -9.39 -22.61
CA LEU B 157 3.08 -9.79 -21.29
C LEU B 157 2.75 -11.20 -20.84
N VAL B 158 2.84 -12.14 -21.75
CA VAL B 158 2.44 -13.47 -21.40
C VAL B 158 3.44 -14.02 -20.41
N LYS B 159 4.72 -13.76 -20.68
CA LYS B 159 5.80 -14.40 -19.92
C LYS B 159 5.87 -13.78 -18.57
N SER B 160 5.85 -12.47 -18.66
CA SER B 160 5.90 -11.58 -17.55
C SER B 160 4.77 -11.83 -16.60
N GLY B 161 3.57 -11.98 -17.14
CA GLY B 161 2.40 -12.24 -16.32
C GLY B 161 2.48 -13.58 -15.59
N VAL B 162 3.12 -14.53 -16.23
CA VAL B 162 3.24 -15.87 -15.68
C VAL B 162 4.22 -15.82 -14.50
N VAL B 163 5.29 -15.07 -14.69
CA VAL B 163 6.30 -14.88 -13.68
C VAL B 163 5.70 -14.14 -12.49
N ASN B 164 4.93 -13.11 -12.79
CA ASN B 164 4.38 -12.26 -11.77
C ASN B 164 3.34 -12.95 -10.91
N ALA B 165 2.45 -13.72 -11.54
CA ALA B 165 1.50 -14.52 -10.77
C ALA B 165 2.23 -15.44 -9.80
N ALA B 166 3.30 -16.05 -10.29
CA ALA B 166 4.07 -17.01 -9.51
C ALA B 166 4.67 -16.32 -8.30
N LEU B 167 5.23 -15.15 -8.54
CA LEU B 167 5.86 -14.42 -7.47
C LEU B 167 4.82 -13.94 -6.49
N MET B 168 3.61 -13.68 -6.97
CA MET B 168 2.53 -13.21 -6.06
C MET B 168 2.12 -14.32 -5.10
N ASN B 169 2.09 -15.54 -5.62
CA ASN B 169 1.85 -16.71 -4.79
C ASN B 169 3.01 -17.05 -3.84
N PHE B 170 4.23 -16.99 -4.35
CA PHE B 170 5.39 -17.13 -3.50
C PHE B 170 5.31 -16.20 -2.28
N THR B 171 4.96 -14.94 -2.56
CA THR B 171 4.88 -13.90 -1.55
C THR B 171 4.02 -14.39 -0.39
N LYS B 172 2.82 -14.86 -0.71
CA LYS B 172 1.89 -15.29 0.33
C LYS B 172 2.47 -16.42 1.16
N SER B 173 3.12 -17.37 0.50
CA SER B 173 3.57 -18.58 1.16
C SER B 173 4.73 -18.26 2.08
N VAL B 174 5.63 -17.40 1.64
CA VAL B 174 6.78 -17.14 2.47
C VAL B 174 6.41 -16.24 3.61
N ALA B 175 5.47 -15.31 3.37
CA ALA B 175 5.03 -14.41 4.42
C ALA B 175 4.43 -15.18 5.56
N ARG B 176 3.61 -16.16 5.23
CA ARG B 176 3.04 -17.07 6.22
C ARG B 176 4.09 -17.75 7.08
N GLN B 177 5.17 -18.21 6.50
CA GLN B 177 6.22 -18.87 7.27
C GLN B 177 7.02 -17.94 8.16
N THR B 178 7.40 -16.77 7.64
CA THR B 178 8.31 -15.91 8.36
C THR B 178 7.61 -14.94 9.30
N ALA B 179 6.29 -14.86 9.14
CA ALA B 179 5.46 -13.94 9.91
C ALA B 179 5.82 -13.89 11.39
N PRO B 180 5.89 -15.06 12.05
CA PRO B 180 6.17 -14.99 13.49
C PRO B 180 7.56 -14.48 13.86
N TYR B 181 8.43 -14.25 12.88
CA TYR B 181 9.77 -13.74 13.14
C TYR B 181 9.91 -12.23 12.93
N ASN B 182 8.78 -11.53 12.77
CA ASN B 182 8.73 -10.12 12.35
C ASN B 182 9.54 -9.84 11.09
N VAL B 183 9.50 -10.80 10.17
CA VAL B 183 10.04 -10.65 8.86
C VAL B 183 8.85 -10.65 7.92
N LEU B 184 8.65 -9.51 7.28
CA LEU B 184 7.43 -9.23 6.55
C LEU B 184 7.74 -9.16 5.11
N ILE B 185 6.90 -9.81 4.31
CA ILE B 185 7.15 -9.93 2.89
C ILE B 185 5.92 -9.46 2.14
N ASN B 186 6.09 -8.46 1.29
CA ASN B 186 5.00 -7.99 0.48
C ASN B 186 5.46 -7.73 -0.92
N SER B 187 4.51 -7.43 -1.77
CA SER B 187 4.81 -7.12 -3.15
C SER B 187 4.04 -5.91 -3.62
N VAL B 188 4.62 -5.22 -4.59
CA VAL B 188 4.02 -4.04 -5.20
C VAL B 188 3.97 -4.27 -6.70
N ASN B 189 2.79 -4.01 -7.28
CA ASN B 189 2.62 -4.17 -8.69
C ASN B 189 2.53 -2.80 -9.32
N PRO B 190 3.62 -2.32 -9.92
CA PRO B 190 3.50 -1.08 -10.66
C PRO B 190 2.59 -1.26 -11.86
N GLY B 191 1.74 -0.27 -12.10
CA GLY B 191 0.99 -0.18 -13.33
C GLY B 191 1.92 0.34 -14.41
N VAL B 192 1.89 1.65 -14.61
CA VAL B 192 2.75 2.32 -15.58
C VAL B 192 3.44 3.46 -14.87
N ILE B 193 4.77 3.33 -14.75
CA ILE B 193 5.61 4.23 -14.01
C ILE B 193 6.74 4.66 -14.93
N ASP B 194 6.98 5.97 -14.99
CA ASP B 194 7.87 6.56 -15.96
C ASP B 194 9.35 6.25 -15.65
N THR B 195 9.82 5.14 -16.18
CA THR B 195 11.24 4.74 -16.09
C THR B 195 11.90 4.58 -17.46
N PRO B 196 13.25 4.43 -17.50
CA PRO B 196 13.97 4.02 -18.73
C PRO B 196 13.39 2.80 -19.47
N ARG B 197 13.15 1.71 -18.75
CA ARG B 197 12.46 0.54 -19.31
C ARG B 197 11.08 0.83 -19.94
N HIS B 198 10.31 1.73 -19.34
CA HIS B 198 9.01 2.12 -19.89
C HIS B 198 9.21 2.95 -21.14
N ARG B 199 10.12 3.91 -21.09
CA ARG B 199 10.44 4.70 -22.29
C ARG B 199 11.01 3.81 -23.41
N GLU B 200 11.76 2.78 -23.05
CA GLU B 200 12.32 1.85 -24.03
C GLU B 200 11.19 1.01 -24.60
N TYR B 201 10.26 0.65 -23.73
CA TYR B 201 9.06 -0.06 -24.12
C TYR B 201 8.22 0.77 -25.10
N LEU B 202 8.11 2.08 -24.85
CA LEU B 202 7.39 2.95 -25.77
C LEU B 202 8.08 2.94 -27.13
N GLU B 203 9.34 3.34 -27.14
CA GLU B 203 10.14 3.46 -28.37
C GLU B 203 9.82 2.40 -29.38
N ILE B 204 9.85 1.17 -28.88
CA ILE B 204 9.92 -0.01 -29.71
C ILE B 204 8.55 -0.53 -30.12
N TYR B 205 7.54 -0.31 -29.29
CA TYR B 205 6.18 -0.72 -29.66
C TYR B 205 5.61 0.26 -30.67
N ALA B 206 6.11 1.49 -30.65
CA ALA B 206 5.77 2.46 -31.68
C ALA B 206 6.29 1.93 -33.02
N LYS B 207 7.60 1.77 -33.09
CA LYS B 207 8.30 1.24 -34.25
C LYS B 207 7.59 -0.01 -34.79
N LYS B 208 7.29 -0.93 -33.87
CA LYS B 208 6.59 -2.17 -34.20
C LYS B 208 5.16 -2.03 -34.72
N GLU B 209 4.34 -1.17 -34.11
CA GLU B 209 2.98 -0.92 -34.59
CA GLU B 209 2.98 -0.96 -34.64
C GLU B 209 2.93 0.13 -35.70
N GLY B 210 4.08 0.71 -36.05
CA GLY B 210 4.16 1.76 -37.06
C GLY B 210 3.50 3.05 -36.62
N THR B 211 3.80 3.48 -35.40
CA THR B 211 3.24 4.71 -34.81
C THR B 211 4.38 5.41 -34.05
N THR B 212 4.06 6.48 -33.34
CA THR B 212 4.99 7.18 -32.46
C THR B 212 4.85 6.79 -31.00
N PRO B 213 5.94 6.94 -30.22
CA PRO B 213 5.84 6.73 -28.79
C PRO B 213 4.71 7.58 -28.20
N ASP B 214 4.59 8.82 -28.66
CA ASP B 214 3.58 9.74 -28.12
C ASP B 214 2.17 9.16 -28.18
N LEU B 215 1.82 8.60 -29.32
CA LEU B 215 0.51 8.02 -29.53
C LEU B 215 0.33 6.73 -28.74
N ILE B 216 1.39 5.95 -28.57
CA ILE B 216 1.36 4.82 -27.67
C ILE B 216 1.05 5.32 -26.24
N ARG B 217 1.76 6.34 -25.81
CA ARG B 217 1.55 6.91 -24.50
C ARG B 217 0.10 7.38 -24.37
N GLU B 218 -0.39 8.14 -25.35
CA GLU B 218 -1.79 8.61 -25.34
C GLU B 218 -2.78 7.48 -25.12
N ARG B 219 -2.49 6.35 -25.73
CA ARG B 219 -3.33 5.18 -25.64
C ARG B 219 -3.34 4.61 -24.23
N ILE B 220 -2.13 4.45 -23.68
CA ILE B 220 -1.96 3.98 -22.31
C ILE B 220 -2.76 4.86 -21.36
N LEU B 221 -2.52 6.17 -21.46
CA LEU B 221 -3.16 7.19 -20.64
C LEU B 221 -4.70 7.14 -20.62
N LYS B 222 -5.29 6.82 -21.76
CA LYS B 222 -6.74 6.73 -21.86
C LYS B 222 -7.24 5.58 -21.00
N THR B 223 -6.38 4.59 -20.78
CA THR B 223 -6.76 3.45 -19.94
C THR B 223 -6.46 3.63 -18.45
N ILE B 224 -5.68 4.64 -18.09
CA ILE B 224 -5.39 4.90 -16.67
C ILE B 224 -6.40 5.88 -16.15
N PRO B 225 -7.16 5.51 -15.11
CA PRO B 225 -8.19 6.44 -14.68
C PRO B 225 -7.68 7.81 -14.22
N MET B 226 -6.53 7.85 -13.57
CA MET B 226 -5.93 9.15 -13.29
C MET B 226 -5.43 9.89 -14.53
N ASN B 227 -5.45 9.25 -15.71
CA ASN B 227 -5.06 9.93 -16.93
C ASN B 227 -3.62 10.47 -16.86
N ARG B 228 -2.73 9.75 -16.16
CA ARG B 228 -1.32 10.10 -16.18
C ARG B 228 -0.47 8.92 -15.77
N ILE B 229 0.77 8.97 -16.18
CA ILE B 229 1.73 7.92 -15.92
C ILE B 229 2.39 8.25 -14.58
N GLY B 230 2.58 7.25 -13.74
CA GLY B 230 3.08 7.48 -12.40
C GLY B 230 4.54 7.91 -12.37
N THR B 231 4.97 8.50 -11.25
CA THR B 231 6.39 8.77 -11.09
C THR B 231 7.06 7.75 -10.18
N THR B 232 8.35 7.56 -10.42
CA THR B 232 9.13 6.66 -9.58
C THR B 232 9.07 7.09 -8.11
N GLU B 233 9.03 8.39 -7.85
CA GLU B 233 8.84 8.90 -6.48
C GLU B 233 7.49 8.45 -5.89
N GLU B 234 6.43 8.46 -6.68
CA GLU B 234 5.12 8.07 -6.18
C GLU B 234 5.14 6.60 -5.82
N PHE B 235 5.94 5.86 -6.57
CA PHE B 235 5.98 4.44 -6.42
C PHE B 235 6.87 4.06 -5.26
N ALA B 236 8.01 4.73 -5.14
CA ALA B 236 8.93 4.53 -4.02
C ALA B 236 8.27 4.80 -2.68
N ASN B 237 7.34 5.74 -2.64
CA ASN B 237 6.69 6.07 -1.37
C ASN B 237 6.07 4.87 -0.69
N LEU B 238 5.32 4.12 -1.46
CA LEU B 238 4.68 2.95 -0.91
C LEU B 238 5.66 1.87 -0.54
N VAL B 239 6.72 1.71 -1.35
CA VAL B 239 7.72 0.68 -1.08
C VAL B 239 8.42 1.03 0.22
N VAL B 240 8.74 2.31 0.39
CA VAL B 240 9.43 2.74 1.61
C VAL B 240 8.57 2.57 2.83
N PHE B 241 7.26 2.80 2.70
CA PHE B 241 6.34 2.59 3.80
C PHE B 241 6.27 1.14 4.20
N LEU B 242 6.17 0.25 3.22
CA LEU B 242 6.17 -1.17 3.51
C LEU B 242 7.47 -1.65 4.09
N ALA B 243 8.57 -0.95 3.84
CA ALA B 243 9.84 -1.41 4.39
C ALA B 243 10.03 -0.89 5.80
N SER B 244 9.00 -0.20 6.32
CA SER B 244 9.18 0.60 7.50
C SER B 244 8.67 -0.14 8.70
N GLU B 245 9.08 0.37 9.86
CA GLU B 245 8.57 -0.07 11.13
C GLU B 245 7.06 0.17 11.20
N CYS B 246 6.58 1.20 10.51
CA CYS B 246 5.15 1.51 10.51
C CYS B 246 4.24 0.46 9.85
N ALA B 247 4.82 -0.35 8.96
CA ALA B 247 4.08 -1.41 8.25
C ALA B 247 4.09 -2.72 9.04
N SER B 248 4.25 -2.62 10.36
CA SER B 248 4.59 -3.78 11.16
C SER B 248 3.52 -4.87 11.23
N TYR B 249 2.29 -4.58 10.82
CA TYR B 249 1.25 -5.62 10.77
C TYR B 249 0.80 -6.01 9.35
N ILE B 250 1.58 -5.65 8.35
CA ILE B 250 1.21 -5.93 6.97
C ILE B 250 2.14 -6.98 6.43
N THR B 251 1.62 -8.14 6.11
CA THR B 251 2.43 -9.12 5.42
C THR B 251 1.59 -10.02 4.49
N GLY B 252 2.24 -10.56 3.47
CA GLY B 252 1.60 -11.47 2.52
C GLY B 252 0.74 -10.85 1.43
N ILE B 253 0.83 -9.55 1.24
CA ILE B 253 -0.10 -8.93 0.34
C ILE B 253 0.69 -8.39 -0.82
N THR B 254 0.00 -8.26 -1.95
CA THR B 254 0.52 -7.59 -3.11
C THR B 254 -0.41 -6.43 -3.39
N ILE B 255 0.16 -5.22 -3.52
CA ILE B 255 -0.58 -3.97 -3.76
C ILE B 255 -0.35 -3.39 -5.17
N PRO B 256 -1.44 -3.09 -5.89
CA PRO B 256 -1.29 -2.37 -7.15
C PRO B 256 -1.02 -0.90 -6.91
N LEU B 257 -0.01 -0.37 -7.57
CA LEU B 257 0.29 1.04 -7.52
C LEU B 257 0.24 1.48 -8.94
N ASP B 258 -0.92 1.98 -9.38
CA ASP B 258 -1.21 2.00 -10.82
C ASP B 258 -2.17 3.06 -11.35
N GLY B 259 -2.40 4.12 -10.59
CA GLY B 259 -3.34 5.17 -10.99
C GLY B 259 -4.75 4.70 -11.33
N GLY B 260 -5.15 3.55 -10.79
CA GLY B 260 -6.52 3.03 -10.96
C GLY B 260 -6.65 1.98 -12.05
N LEU B 261 -5.54 1.67 -12.70
CA LEU B 261 -5.51 0.70 -13.79
C LEU B 261 -6.27 -0.59 -13.45
N SER B 262 -6.08 -1.09 -12.24
CA SER B 262 -6.82 -2.28 -11.76
C SER B 262 -8.33 -2.06 -11.59
N SER B 263 -8.76 -0.83 -11.29
CA SER B 263 -10.19 -0.57 -11.15
C SER B 263 -10.89 -0.40 -12.51
N SER B 264 -10.12 -0.36 -13.59
CA SER B 264 -10.66 -0.29 -14.95
C SER B 264 -10.55 -1.65 -15.65
#